data_2XTK
#
_entry.id   2XTK
#
_cell.length_a   76.638
_cell.length_b   125.831
_cell.length_c   211.688
_cell.angle_alpha   90.00
_cell.angle_beta   90.00
_cell.angle_gamma   90.00
#
_symmetry.space_group_name_H-M   'I 21 21 21'
#
loop_
_entity.id
_entity.type
_entity.pdbx_description
1 polymer 'CLASS III CHITINASE CHIA1'
2 non-polymer 5-ACETAMIDO-1,3,4-THIADIAZOLE-2-SULFONAMIDE
3 non-polymer 'PHOSPHATE ION'
4 water water
#
_entity_poly.entity_id   1
_entity_poly.type   'polypeptide(L)'
_entity_poly.pdbx_seq_one_letter_code
;FSNLAIYWGQGPNQLRLSHFCQETSLDIINIGFINYFPDMSPGHWPGSNFGNQCDGSVYVTNDGVVTKLLSGCHQIMEDI
PICQAAGKKVLLSIGGAYPPDQSILSEDSAVAFATFLWGAFGPVAEGWEGPRPFGDVVVDGFDFDIEHNGGFGYATMVNT
FRQYFNQVPERKFYLSAAPQCIIPDAQLSDAIFNAAFDFIWIQYYNTAACSAKSFIDTSLGTFNFDAWVTVLKASASKDA
KLYVGLPASETAANQGYYLTPDEVESLVSTYMDRYPDTFGGIMLWEATASENNQIDGAPYADHMKDILLH
;
_entity_poly.pdbx_strand_id   A,B
#
# COMPACT_ATOMS: atom_id res chain seq x y z
N PHE A 1 4.90 8.13 -34.40
CA PHE A 1 5.54 7.43 -33.24
C PHE A 1 4.53 6.62 -32.41
N SER A 2 5.03 5.67 -31.62
CA SER A 2 4.22 4.95 -30.64
C SER A 2 4.15 5.71 -29.28
N ASN A 3 3.14 5.36 -28.48
CA ASN A 3 2.82 6.10 -27.27
C ASN A 3 3.35 5.44 -26.01
N LEU A 4 3.57 6.26 -24.97
CA LEU A 4 3.85 5.76 -23.62
C LEU A 4 2.72 6.16 -22.68
N ALA A 5 2.05 5.15 -22.11
CA ALA A 5 1.03 5.32 -21.07
C ALA A 5 1.56 4.90 -19.70
N ILE A 6 0.99 5.47 -18.64
CA ILE A 6 1.37 5.15 -17.28
C ILE A 6 0.17 5.41 -16.38
N TYR A 7 0.03 4.60 -15.32
CA TYR A 7 -0.98 4.83 -14.29
C TYR A 7 -0.41 5.71 -13.19
N TRP A 8 -1.26 6.51 -12.58
CA TRP A 8 -0.92 7.34 -11.43
C TRP A 8 -2.12 7.36 -10.52
N GLY A 9 -1.89 7.57 -9.23
CA GLY A 9 -3.00 7.69 -8.28
C GLY A 9 -2.83 6.76 -7.10
N GLN A 10 -2.12 5.65 -7.30
CA GLN A 10 -2.02 4.59 -6.27
C GLN A 10 -0.61 4.35 -5.77
N GLY A 11 0.29 5.29 -6.07
CA GLY A 11 1.69 5.20 -5.67
C GLY A 11 1.83 5.65 -4.23
N PRO A 12 2.40 4.79 -3.36
CA PRO A 12 2.67 5.17 -1.97
C PRO A 12 3.52 6.46 -1.94
N ASN A 13 3.09 7.45 -1.19
CA ASN A 13 3.78 8.76 -1.14
C ASN A 13 4.01 9.39 -2.54
N GLN A 14 3.14 9.07 -3.51
CA GLN A 14 3.24 9.67 -4.83
C GLN A 14 3.30 11.19 -4.78
N LEU A 15 4.12 11.77 -5.64
CA LEU A 15 4.06 13.19 -5.97
C LEU A 15 2.75 13.50 -6.70
N ARG A 16 2.32 14.73 -6.57
CA ARG A 16 1.07 15.19 -7.22
C ARG A 16 1.08 14.98 -8.74
N LEU A 17 -0.09 14.99 -9.34
CA LEU A 17 -0.18 14.70 -10.76
C LEU A 17 0.66 15.67 -11.60
N SER A 18 0.71 16.97 -11.23
CA SER A 18 1.44 17.88 -12.13
C SER A 18 2.88 17.55 -12.37
N HIS A 19 3.51 16.82 -11.44
CA HIS A 19 4.89 16.44 -11.65
C HIS A 19 5.00 15.59 -12.92
N PHE A 20 4.07 14.65 -13.09
CA PHE A 20 4.10 13.81 -14.25
C PHE A 20 3.53 14.51 -15.48
N CYS A 21 2.66 15.50 -15.27
CA CYS A 21 2.22 16.33 -16.38
C CYS A 21 3.44 17.06 -16.95
N GLN A 22 4.48 17.21 -16.14
CA GLN A 22 5.69 17.91 -16.58
C GLN A 22 6.72 16.99 -17.24
N GLU A 23 6.41 15.69 -17.29
CA GLU A 23 7.33 14.71 -17.84
C GLU A 23 7.09 14.47 -19.32
N THR A 24 7.99 15.03 -20.12
CA THR A 24 7.85 15.06 -21.57
C THR A 24 7.43 13.71 -22.16
N SER A 25 8.09 12.64 -21.72
CA SER A 25 7.94 11.32 -22.30
C SER A 25 6.53 10.71 -22.24
N LEU A 26 5.70 11.14 -21.27
CA LEU A 26 4.36 10.53 -21.07
C LEU A 26 3.38 11.08 -22.09
N ASP A 27 2.65 10.19 -22.73
CA ASP A 27 1.60 10.57 -23.70
C ASP A 27 0.19 10.37 -23.14
N ILE A 28 0.04 9.36 -22.29
CA ILE A 28 -1.27 9.03 -21.71
C ILE A 28 -1.14 8.73 -20.20
N ILE A 29 -1.97 9.32 -19.38
CA ILE A 29 -1.87 9.07 -17.95
C ILE A 29 -3.22 8.57 -17.48
N ASN A 30 -3.24 7.35 -16.94
CA ASN A 30 -4.49 6.76 -16.46
C ASN A 30 -4.54 7.02 -14.98
N ILE A 31 -5.60 7.70 -14.53
CA ILE A 31 -5.74 8.06 -13.14
C ILE A 31 -6.61 6.99 -12.45
N GLY A 32 -6.06 6.31 -11.47
CA GLY A 32 -6.77 5.19 -10.79
C GLY A 32 -7.13 5.60 -9.37
N PHE A 33 -8.36 5.34 -8.93
CA PHE A 33 -9.38 4.55 -9.59
C PHE A 33 -10.77 4.98 -9.15
N ILE A 34 -11.70 4.91 -10.08
CA ILE A 34 -13.08 4.74 -9.69
C ILE A 34 -13.13 3.26 -9.24
N ASN A 35 -12.97 3.04 -7.94
CA ASN A 35 -12.90 1.68 -7.36
C ASN A 35 -14.16 1.12 -6.70
N TYR A 36 -15.19 1.94 -6.55
CA TYR A 36 -16.47 1.43 -6.01
C TYR A 36 -17.58 1.51 -7.04
N PHE A 37 -18.27 0.40 -7.28
CA PHE A 37 -19.27 0.40 -8.33
C PHE A 37 -20.68 0.57 -7.75
N PRO A 38 -21.63 1.15 -8.54
CA PRO A 38 -22.95 1.57 -8.03
C PRO A 38 -23.83 0.46 -7.47
N ASP A 39 -23.74 -0.75 -8.01
CA ASP A 39 -24.56 -1.86 -7.51
C ASP A 39 -24.33 -2.20 -6.02
N MET A 40 -23.08 -2.10 -5.55
CA MET A 40 -22.77 -2.47 -4.17
C MET A 40 -22.11 -1.40 -3.32
N SER A 41 -21.94 -0.18 -3.84
CA SER A 41 -21.28 0.83 -3.05
C SER A 41 -22.25 1.62 -2.14
N PRO A 42 -21.72 2.29 -1.10
CA PRO A 42 -22.58 3.17 -0.30
C PRO A 42 -23.29 4.24 -1.13
N GLY A 43 -24.62 4.27 -1.03
CA GLY A 43 -25.44 5.25 -1.73
C GLY A 43 -25.69 4.90 -3.18
N HIS A 44 -25.01 3.87 -3.67
CA HIS A 44 -25.18 3.42 -5.06
C HIS A 44 -24.68 4.47 -6.03
N TRP A 45 -23.74 5.28 -5.54
CA TRP A 45 -22.93 6.12 -6.37
C TRP A 45 -21.58 5.43 -6.61
N PRO A 46 -20.92 5.74 -7.73
CA PRO A 46 -19.57 5.23 -7.91
C PRO A 46 -18.71 5.81 -6.80
N GLY A 47 -17.65 5.13 -6.38
CA GLY A 47 -16.73 5.71 -5.38
C GLY A 47 -15.32 5.81 -5.93
N SER A 48 -14.50 6.69 -5.34
CA SER A 48 -13.18 6.89 -5.86
C SER A 48 -12.10 6.80 -4.78
N ASN A 49 -10.92 6.39 -5.20
CA ASN A 49 -9.73 6.52 -4.37
C ASN A 49 -8.52 6.94 -5.16
N PHE A 50 -7.78 7.96 -4.68
CA PHE A 50 -6.54 8.28 -5.37
C PHE A 50 -5.41 8.33 -4.35
N GLY A 51 -5.27 7.24 -3.60
CA GLY A 51 -4.14 7.11 -2.65
C GLY A 51 -3.99 8.34 -1.78
N ASN A 52 -2.81 8.94 -1.72
CA ASN A 52 -2.62 10.07 -0.82
C ASN A 52 -3.27 11.39 -1.27
N GLN A 53 -4.02 11.33 -2.37
CA GLN A 53 -4.60 12.56 -2.96
C GLN A 53 -5.98 12.85 -2.37
N CYS A 54 -6.33 14.14 -2.39
CA CYS A 54 -7.68 14.62 -2.04
C CYS A 54 -7.81 14.72 -0.51
N ASP A 55 -8.75 15.53 -0.04
CA ASP A 55 -8.78 15.82 1.39
C ASP A 55 -9.63 14.86 2.21
N GLY A 56 -10.11 13.78 1.63
CA GLY A 56 -10.95 12.85 2.39
C GLY A 56 -12.46 13.07 2.38
N SER A 57 -12.90 14.31 2.15
CA SER A 57 -14.36 14.59 2.04
C SER A 57 -15.00 13.78 0.91
N VAL A 58 -16.21 13.32 1.15
CA VAL A 58 -17.01 12.58 0.17
C VAL A 58 -18.35 13.27 -0.14
N TYR A 59 -18.97 12.94 -1.29
CA TYR A 59 -20.28 13.47 -1.58
C TYR A 59 -21.29 12.66 -0.78
N VAL A 60 -22.49 13.22 -0.61
CA VAL A 60 -23.65 12.47 -0.10
C VAL A 60 -24.75 12.58 -1.15
N THR A 61 -25.58 11.54 -1.23
CA THR A 61 -26.69 11.52 -2.14
C THR A 61 -27.73 12.56 -1.65
N ASN A 62 -28.67 12.89 -2.54
CA ASN A 62 -29.81 13.79 -2.30
C ASN A 62 -30.58 13.47 -1.00
N ASP A 63 -30.60 12.20 -0.62
CA ASP A 63 -31.23 11.75 0.61
C ASP A 63 -30.27 11.59 1.78
N GLY A 64 -29.16 12.31 1.75
CA GLY A 64 -28.22 12.27 2.89
C GLY A 64 -27.31 11.07 3.07
N VAL A 65 -27.29 10.12 2.13
CA VAL A 65 -26.48 8.92 2.31
C VAL A 65 -25.01 9.18 1.95
N VAL A 66 -24.11 8.84 2.88
CA VAL A 66 -22.66 9.06 2.69
C VAL A 66 -22.12 8.16 1.55
N THR A 67 -21.42 8.75 0.58
CA THR A 67 -20.89 7.95 -0.56
C THR A 67 -19.42 7.74 -0.38
N LYS A 68 -18.82 6.94 -1.27
CA LYS A 68 -17.36 6.84 -1.32
C LYS A 68 -16.73 7.70 -2.43
N LEU A 69 -17.50 8.61 -3.02
CA LEU A 69 -16.99 9.44 -4.12
C LEU A 69 -16.37 10.70 -3.51
N LEU A 70 -15.08 10.84 -3.69
CA LEU A 70 -14.31 11.97 -3.14
C LEU A 70 -14.67 13.26 -3.80
N SER A 71 -14.95 14.27 -2.98
CA SER A 71 -15.35 15.59 -3.42
C SER A 71 -14.28 16.67 -3.26
N GLY A 72 -13.15 16.37 -2.63
CA GLY A 72 -12.16 17.42 -2.40
C GLY A 72 -10.80 17.15 -3.04
N CYS A 73 -10.82 16.72 -4.31
CA CYS A 73 -9.57 16.38 -5.04
C CYS A 73 -9.04 17.65 -5.72
N HIS A 74 -8.68 18.62 -4.89
CA HIS A 74 -8.24 19.94 -5.39
C HIS A 74 -7.07 19.86 -6.31
N GLN A 75 -6.03 19.17 -5.86
CA GLN A 75 -4.81 19.07 -6.63
C GLN A 75 -5.00 18.41 -7.98
N ILE A 76 -5.73 17.29 -8.01
CA ILE A 76 -6.02 16.63 -9.25
C ILE A 76 -6.79 17.53 -10.18
N MET A 77 -7.79 18.24 -9.64
CA MET A 77 -8.57 19.17 -10.44
C MET A 77 -7.66 20.22 -11.09
N GLU A 78 -6.73 20.74 -10.31
CA GLU A 78 -5.80 21.76 -10.80
C GLU A 78 -4.77 21.20 -11.82
N ASP A 79 -4.47 19.91 -11.74
CA ASP A 79 -3.30 19.39 -12.41
C ASP A 79 -3.65 18.86 -13.76
N ILE A 80 -4.82 18.21 -13.88
CA ILE A 80 -5.25 17.66 -15.17
C ILE A 80 -5.13 18.63 -16.36
N PRO A 81 -5.66 19.86 -16.23
CA PRO A 81 -5.41 20.85 -17.28
C PRO A 81 -3.95 21.05 -17.70
N ILE A 82 -3.01 20.85 -16.77
CA ILE A 82 -1.59 21.06 -17.08
C ILE A 82 -1.16 19.91 -18.00
N CYS A 83 -1.55 18.69 -17.66
CA CYS A 83 -1.33 17.56 -18.52
C CYS A 83 -1.87 17.77 -19.92
N GLN A 84 -3.10 18.28 -20.00
CA GLN A 84 -3.73 18.42 -21.32
C GLN A 84 -3.11 19.60 -22.08
N ALA A 85 -2.65 20.60 -21.36
CA ALA A 85 -1.96 21.73 -22.01
C ALA A 85 -0.65 21.19 -22.62
N ALA A 86 -0.02 20.22 -21.96
CA ALA A 86 1.20 19.64 -22.52
C ALA A 86 0.92 18.56 -23.61
N GLY A 87 -0.32 18.42 -24.04
CA GLY A 87 -0.61 17.47 -25.13
C GLY A 87 -0.93 16.04 -24.66
N LYS A 88 -1.07 15.81 -23.36
CA LYS A 88 -1.25 14.44 -22.85
C LYS A 88 -2.71 14.10 -22.81
N LYS A 89 -3.03 12.81 -22.90
CA LYS A 89 -4.39 12.36 -22.68
C LYS A 89 -4.47 11.84 -21.23
N VAL A 90 -5.51 12.26 -20.51
CA VAL A 90 -5.78 11.87 -19.14
C VAL A 90 -7.06 11.01 -19.14
N LEU A 91 -6.88 9.73 -18.87
CA LEU A 91 -8.04 8.79 -18.85
C LEU A 91 -8.36 8.45 -17.40
N LEU A 92 -9.63 8.44 -17.04
CA LEU A 92 -10.04 8.07 -15.71
C LEU A 92 -10.24 6.56 -15.67
N SER A 93 -9.53 5.89 -14.75
CA SER A 93 -9.53 4.43 -14.76
C SER A 93 -10.52 3.91 -13.75
N ILE A 94 -11.22 2.86 -14.17
CA ILE A 94 -12.31 2.20 -13.43
C ILE A 94 -11.74 0.84 -12.95
N GLY A 95 -11.94 0.51 -11.67
CA GLY A 95 -11.53 -0.79 -11.08
C GLY A 95 -10.31 -0.68 -10.20
N GLY A 96 -9.24 -1.38 -10.59
CA GLY A 96 -7.99 -1.36 -9.85
C GLY A 96 -7.99 -2.55 -8.91
N ALA A 97 -6.96 -2.66 -8.07
CA ALA A 97 -6.80 -3.86 -7.22
C ALA A 97 -7.77 -3.92 -6.06
N TYR A 98 -7.92 -2.79 -5.38
CA TYR A 98 -8.69 -2.75 -4.13
C TYR A 98 -9.98 -1.87 -4.22
N PRO A 99 -11.14 -2.36 -3.72
CA PRO A 99 -11.39 -3.66 -3.05
C PRO A 99 -11.69 -4.77 -4.05
N PRO A 100 -11.69 -6.04 -3.58
CA PRO A 100 -11.87 -7.11 -4.57
C PRO A 100 -13.31 -7.58 -4.78
N ASP A 101 -14.31 -6.86 -4.26
CA ASP A 101 -15.71 -7.33 -4.32
C ASP A 101 -16.66 -6.49 -5.20
N GLN A 102 -16.11 -5.74 -6.16
CA GLN A 102 -16.92 -4.83 -7.00
C GLN A 102 -17.19 -5.42 -8.38
N SER A 103 -18.45 -5.36 -8.80
CA SER A 103 -18.82 -5.88 -10.12
C SER A 103 -20.06 -5.13 -10.61
N ILE A 104 -20.51 -5.47 -11.82
CA ILE A 104 -21.72 -4.88 -12.38
C ILE A 104 -22.75 -5.99 -12.47
N LEU A 105 -23.99 -5.71 -12.06
CA LEU A 105 -24.96 -6.78 -11.92
C LEU A 105 -26.02 -6.85 -13.04
N SER A 106 -26.19 -5.80 -13.83
CA SER A 106 -27.18 -5.82 -14.91
C SER A 106 -26.78 -4.85 -16.02
N GLU A 107 -27.30 -5.08 -17.24
CA GLU A 107 -27.08 -4.12 -18.33
C GLU A 107 -27.54 -2.73 -17.92
N ASP A 108 -28.69 -2.65 -17.24
CA ASP A 108 -29.22 -1.38 -16.76
C ASP A 108 -28.22 -0.63 -15.85
N SER A 109 -27.69 -1.29 -14.82
CA SER A 109 -26.69 -0.63 -13.98
C SER A 109 -25.39 -0.30 -14.73
N ALA A 110 -24.99 -1.15 -15.68
CA ALA A 110 -23.92 -0.81 -16.64
C ALA A 110 -24.14 0.50 -17.39
N VAL A 111 -25.29 0.63 -18.06
CA VAL A 111 -25.67 1.91 -18.73
C VAL A 111 -25.61 3.08 -17.71
N ALA A 112 -26.28 2.90 -16.56
CA ALA A 112 -26.40 3.96 -15.58
C ALA A 112 -25.03 4.34 -14.98
N PHE A 113 -24.16 3.34 -14.80
CA PHE A 113 -22.78 3.57 -14.36
C PHE A 113 -22.02 4.51 -15.32
N ALA A 114 -22.06 4.19 -16.61
CA ALA A 114 -21.38 5.00 -17.64
C ALA A 114 -22.02 6.39 -17.79
N THR A 115 -23.36 6.42 -17.72
CA THR A 115 -24.08 7.72 -17.72
C THR A 115 -23.59 8.61 -16.59
N PHE A 116 -23.52 8.04 -15.39
CA PHE A 116 -23.06 8.78 -14.22
C PHE A 116 -21.66 9.35 -14.42
N LEU A 117 -20.72 8.49 -14.80
CA LEU A 117 -19.34 8.91 -15.03
C LEU A 117 -19.21 9.98 -16.12
N TRP A 118 -19.99 9.83 -17.19
CA TRP A 118 -19.99 10.83 -18.27
C TRP A 118 -20.44 12.19 -17.78
N GLY A 119 -21.50 12.21 -16.98
CA GLY A 119 -22.00 13.46 -16.37
C GLY A 119 -21.03 14.08 -15.38
N ALA A 120 -20.47 13.24 -14.50
CA ALA A 120 -19.55 13.71 -13.46
C ALA A 120 -18.21 14.18 -13.96
N PHE A 121 -17.70 13.51 -15.01
CA PHE A 121 -16.32 13.66 -15.44
C PHE A 121 -16.13 14.08 -16.89
N GLY A 122 -17.16 13.88 -17.72
CA GLY A 122 -17.10 14.31 -19.11
C GLY A 122 -17.44 15.78 -19.24
N PRO A 123 -17.96 16.19 -20.42
CA PRO A 123 -18.36 17.58 -20.64
C PRO A 123 -19.37 18.07 -19.59
N VAL A 124 -19.19 19.33 -19.21
CA VAL A 124 -20.15 20.00 -18.33
C VAL A 124 -21.41 20.24 -19.15
N ALA A 125 -22.56 19.83 -18.63
CA ALA A 125 -23.83 20.02 -19.30
C ALA A 125 -24.76 20.76 -18.35
N GLU A 126 -25.54 21.72 -18.87
CA GLU A 126 -26.47 22.50 -18.04
C GLU A 126 -27.51 21.58 -17.38
N GLY A 127 -27.94 20.54 -18.09
CA GLY A 127 -28.89 19.55 -17.55
C GLY A 127 -28.38 18.62 -16.43
N TRP A 128 -27.10 18.74 -16.06
CA TRP A 128 -26.47 17.92 -15.02
C TRP A 128 -26.56 18.61 -13.69
N GLU A 129 -27.16 17.94 -12.72
CA GLU A 129 -27.27 18.51 -11.36
C GLU A 129 -26.58 17.57 -10.36
N GLY A 130 -25.55 16.88 -10.85
CA GLY A 130 -24.85 15.89 -10.02
C GLY A 130 -23.50 16.42 -9.63
N PRO A 131 -22.68 15.57 -9.00
CA PRO A 131 -21.31 15.89 -8.58
C PRO A 131 -20.40 16.19 -9.76
N ARG A 132 -19.51 17.18 -9.59
CA ARG A 132 -18.40 17.41 -10.50
C ARG A 132 -17.09 17.24 -9.73
N PRO A 133 -16.59 15.99 -9.60
CA PRO A 133 -15.43 15.83 -8.69
C PRO A 133 -14.19 16.59 -9.07
N PHE A 134 -13.94 16.76 -10.37
CA PHE A 134 -12.82 17.57 -10.83
C PHE A 134 -13.30 18.90 -11.39
N GLY A 135 -14.46 19.36 -10.91
CA GLY A 135 -15.03 20.63 -11.36
C GLY A 135 -15.24 20.70 -12.86
N ASP A 136 -14.80 21.81 -13.47
CA ASP A 136 -14.99 22.04 -14.93
C ASP A 136 -14.03 21.25 -15.83
N VAL A 137 -13.10 20.49 -15.22
CA VAL A 137 -12.21 19.63 -15.98
C VAL A 137 -13.01 18.57 -16.76
N VAL A 138 -12.58 18.27 -17.97
CA VAL A 138 -13.20 17.22 -18.79
C VAL A 138 -12.09 16.23 -19.09
N VAL A 139 -12.24 14.99 -18.65
CA VAL A 139 -11.24 13.98 -18.94
C VAL A 139 -11.28 13.59 -20.43
N ASP A 140 -10.24 12.89 -20.87
CA ASP A 140 -10.15 12.53 -22.26
C ASP A 140 -10.72 11.14 -22.53
N GLY A 141 -11.24 10.49 -21.49
CA GLY A 141 -11.78 9.15 -21.70
C GLY A 141 -11.70 8.24 -20.50
N PHE A 142 -12.00 6.96 -20.69
CA PHE A 142 -12.12 6.06 -19.56
C PHE A 142 -11.28 4.82 -19.79
N ASP A 143 -10.64 4.33 -18.73
CA ASP A 143 -9.85 3.10 -18.78
C ASP A 143 -10.53 2.01 -17.90
N PHE A 144 -10.57 0.81 -18.43
CA PHE A 144 -11.20 -0.32 -17.74
C PHE A 144 -10.11 -1.24 -17.20
N ASP A 145 -9.66 -0.95 -15.97
CA ASP A 145 -8.69 -1.81 -15.28
C ASP A 145 -9.49 -2.77 -14.39
N ILE A 146 -10.24 -3.66 -15.02
CA ILE A 146 -11.04 -4.59 -14.23
C ILE A 146 -10.17 -5.78 -13.80
N GLU A 147 -9.90 -5.88 -12.51
CA GLU A 147 -9.01 -6.91 -11.98
C GLU A 147 -9.73 -8.10 -11.32
N HIS A 148 -11.02 -8.00 -11.02
CA HIS A 148 -11.69 -9.10 -10.31
C HIS A 148 -13.08 -9.32 -10.82
N ASN A 149 -13.60 -10.50 -10.53
CA ASN A 149 -15.03 -10.73 -10.56
C ASN A 149 -15.69 -10.86 -11.92
N GLY A 150 -14.92 -11.07 -12.99
CA GLY A 150 -15.52 -11.54 -14.27
C GLY A 150 -15.80 -10.38 -15.22
N GLY A 151 -16.51 -10.64 -16.31
CA GLY A 151 -16.57 -9.66 -17.37
C GLY A 151 -17.91 -9.07 -17.71
N PHE A 152 -18.90 -9.20 -16.82
CA PHE A 152 -20.26 -8.74 -17.08
C PHE A 152 -20.37 -7.23 -17.13
N GLY A 153 -21.06 -6.71 -18.15
CA GLY A 153 -21.46 -5.31 -18.22
C GLY A 153 -20.44 -4.30 -18.72
N TYR A 154 -19.17 -4.68 -18.84
CA TYR A 154 -18.15 -3.74 -19.33
C TYR A 154 -18.33 -3.41 -20.81
N ALA A 155 -18.77 -4.38 -21.62
CA ALA A 155 -19.10 -4.12 -23.02
C ALA A 155 -20.22 -3.07 -23.14
N THR A 156 -21.30 -3.26 -22.37
CA THR A 156 -22.40 -2.31 -22.35
C THR A 156 -21.90 -0.90 -21.92
N MET A 157 -20.97 -0.84 -20.97
CA MET A 157 -20.44 0.46 -20.53
C MET A 157 -19.68 1.19 -21.62
N VAL A 158 -18.79 0.46 -22.30
CA VAL A 158 -18.03 0.94 -23.44
C VAL A 158 -18.94 1.39 -24.58
N ASN A 159 -19.93 0.55 -24.91
CA ASN A 159 -20.90 0.92 -25.93
C ASN A 159 -21.67 2.20 -25.56
N THR A 160 -22.03 2.34 -24.28
CA THR A 160 -22.74 3.53 -23.81
C THR A 160 -21.82 4.78 -23.90
N PHE A 161 -20.58 4.61 -23.45
CA PHE A 161 -19.60 5.71 -23.57
C PHE A 161 -19.43 6.18 -25.03
N ARG A 162 -19.40 5.23 -25.97
CA ARG A 162 -19.17 5.57 -27.39
C ARG A 162 -20.30 6.43 -27.96
N GLN A 163 -21.52 6.01 -27.65
CA GLN A 163 -22.73 6.73 -27.99
C GLN A 163 -22.64 8.17 -27.48
N TYR A 164 -22.31 8.32 -26.19
CA TYR A 164 -22.10 9.66 -25.65
C TYR A 164 -20.99 10.41 -26.37
N PHE A 165 -19.90 9.72 -26.74
CA PHE A 165 -18.78 10.37 -27.43
C PHE A 165 -19.23 10.95 -28.77
N ASN A 166 -20.04 10.18 -29.49
CA ASN A 166 -20.54 10.54 -30.81
C ASN A 166 -21.51 11.70 -30.86
N GLN A 167 -22.01 12.12 -29.69
CA GLN A 167 -22.84 13.30 -29.65
CA GLN A 167 -22.85 13.30 -29.55
C GLN A 167 -21.99 14.57 -29.50
N VAL A 168 -20.67 14.40 -29.42
CA VAL A 168 -19.71 15.53 -29.27
C VAL A 168 -18.66 15.39 -30.36
N PRO A 169 -19.05 15.53 -31.65
CA PRO A 169 -18.06 15.15 -32.67
C PRO A 169 -16.88 16.14 -32.78
N GLU A 170 -16.98 17.31 -32.18
CA GLU A 170 -15.86 18.28 -32.26
C GLU A 170 -14.66 17.95 -31.33
N ARG A 171 -14.77 16.87 -30.55
CA ARG A 171 -13.71 16.50 -29.60
C ARG A 171 -13.52 14.99 -29.58
N LYS A 172 -12.27 14.54 -29.57
CA LYS A 172 -12.04 13.09 -29.50
C LYS A 172 -11.90 12.58 -28.05
N PHE A 173 -12.59 11.48 -27.75
CA PHE A 173 -12.48 10.80 -26.44
C PHE A 173 -11.96 9.38 -26.63
N TYR A 174 -11.39 8.77 -25.60
CA TYR A 174 -10.73 7.46 -25.77
C TYR A 174 -11.23 6.43 -24.76
N LEU A 175 -11.25 5.15 -25.18
CA LEU A 175 -11.57 4.04 -24.31
C LEU A 175 -10.42 3.05 -24.30
N SER A 176 -10.05 2.57 -23.12
CA SER A 176 -8.94 1.61 -23.03
C SER A 176 -9.25 0.47 -22.03
N ALA A 177 -8.47 -0.61 -22.10
CA ALA A 177 -8.63 -1.80 -21.25
C ALA A 177 -7.26 -2.33 -20.86
N ALA A 178 -7.16 -2.89 -19.65
CA ALA A 178 -5.93 -3.50 -19.14
C ALA A 178 -6.12 -4.99 -18.79
N PRO A 179 -6.27 -5.85 -19.80
CA PRO A 179 -6.41 -7.27 -19.45
C PRO A 179 -5.03 -7.81 -19.05
N GLN A 180 -5.03 -8.96 -18.37
CA GLN A 180 -3.80 -9.74 -18.21
C GLN A 180 -3.48 -10.55 -19.48
N CYS A 181 -2.36 -11.27 -19.49
CA CYS A 181 -1.82 -11.82 -20.74
C CYS A 181 -2.50 -13.11 -21.21
N ILE A 182 -3.06 -13.88 -20.29
CA ILE A 182 -3.79 -15.15 -20.66
C ILE A 182 -5.07 -14.84 -21.42
N ILE A 183 -5.28 -15.51 -22.56
CA ILE A 183 -6.51 -15.46 -23.33
C ILE A 183 -7.28 -16.79 -23.11
N PRO A 184 -8.59 -16.73 -22.82
CA PRO A 184 -9.36 -15.49 -22.64
C PRO A 184 -9.03 -14.83 -21.30
N ASP A 185 -9.17 -13.51 -21.22
CA ASP A 185 -8.95 -12.84 -19.95
C ASP A 185 -10.30 -12.78 -19.22
N ALA A 186 -10.35 -13.29 -17.98
CA ALA A 186 -11.66 -13.49 -17.31
C ALA A 186 -12.46 -12.19 -17.10
N GLN A 187 -11.76 -11.05 -17.02
CA GLN A 187 -12.40 -9.77 -16.76
C GLN A 187 -12.80 -9.00 -18.04
N LEU A 188 -11.94 -9.07 -19.05
CA LEU A 188 -12.00 -8.15 -20.18
C LEU A 188 -12.10 -8.75 -21.59
N SER A 189 -11.94 -10.06 -21.73
CA SER A 189 -12.09 -10.64 -23.09
C SER A 189 -13.49 -10.42 -23.64
N ASP A 190 -14.50 -10.43 -22.78
CA ASP A 190 -15.88 -10.21 -23.24
C ASP A 190 -16.06 -8.78 -23.80
N ALA A 191 -15.63 -7.78 -23.02
CA ALA A 191 -15.71 -6.39 -23.43
C ALA A 191 -14.94 -6.20 -24.74
N ILE A 192 -13.76 -6.82 -24.86
CA ILE A 192 -12.86 -6.63 -26.00
C ILE A 192 -13.50 -7.19 -27.29
N PHE A 193 -14.17 -8.34 -27.14
CA PHE A 193 -14.83 -9.01 -28.25
C PHE A 193 -16.06 -8.24 -28.72
N ASN A 194 -16.84 -7.76 -27.74
CA ASN A 194 -18.15 -7.15 -27.97
C ASN A 194 -18.15 -5.63 -28.08
N ALA A 195 -17.05 -4.97 -27.78
CA ALA A 195 -17.07 -3.50 -27.79
C ALA A 195 -15.74 -2.95 -28.27
N ALA A 196 -15.66 -1.67 -28.66
CA ALA A 196 -14.46 -1.23 -29.36
C ALA A 196 -13.62 -0.33 -28.47
N PHE A 197 -12.41 -0.78 -28.11
CA PHE A 197 -11.47 0.05 -27.34
C PHE A 197 -10.51 0.69 -28.29
N ASP A 198 -10.00 1.85 -27.94
CA ASP A 198 -8.99 2.51 -28.74
C ASP A 198 -7.62 1.92 -28.42
N PHE A 199 -7.39 1.66 -27.14
CA PHE A 199 -6.12 1.22 -26.64
C PHE A 199 -6.36 0.01 -25.75
N ILE A 200 -5.49 -0.98 -25.89
CA ILE A 200 -5.50 -2.11 -25.01
C ILE A 200 -4.11 -2.38 -24.53
N TRP A 201 -3.91 -2.18 -23.22
CA TRP A 201 -2.63 -2.46 -22.58
C TRP A 201 -2.69 -3.78 -21.84
N ILE A 202 -1.95 -4.75 -22.37
CA ILE A 202 -1.82 -6.08 -21.77
C ILE A 202 -0.81 -5.98 -20.63
N GLN A 203 -1.24 -6.45 -19.47
CA GLN A 203 -0.37 -6.42 -18.31
C GLN A 203 0.54 -7.62 -18.46
N TYR A 204 1.79 -7.36 -18.86
CA TYR A 204 2.72 -8.46 -19.11
C TYR A 204 3.53 -8.90 -17.90
N TYR A 205 2.92 -8.83 -16.72
CA TYR A 205 3.57 -9.15 -15.46
C TYR A 205 2.58 -9.86 -14.57
N ASN A 206 3.09 -10.69 -13.66
CA ASN A 206 2.30 -11.38 -12.61
C ASN A 206 1.69 -12.70 -13.08
N THR A 207 1.83 -12.98 -14.36
CA THR A 207 1.35 -14.28 -14.93
C THR A 207 2.46 -14.99 -15.71
N ALA A 208 2.95 -16.06 -15.10
CA ALA A 208 4.14 -16.77 -15.62
C ALA A 208 3.98 -17.28 -17.06
N ALA A 209 2.76 -17.68 -17.43
CA ALA A 209 2.55 -18.39 -18.71
C ALA A 209 2.88 -17.56 -19.95
N CYS A 210 2.83 -16.22 -19.82
CA CYS A 210 2.88 -15.38 -21.02
C CYS A 210 3.55 -14.03 -20.82
N SER A 211 4.28 -13.88 -19.72
CA SER A 211 4.81 -12.59 -19.28
C SER A 211 5.84 -11.98 -20.22
N ALA A 212 6.15 -10.68 -20.07
CA ALA A 212 7.24 -10.09 -20.83
C ALA A 212 8.58 -10.78 -20.47
N LYS A 213 8.73 -11.21 -19.21
CA LYS A 213 9.97 -11.91 -18.82
C LYS A 213 10.22 -13.20 -19.62
N SER A 214 9.14 -13.88 -20.01
CA SER A 214 9.30 -15.11 -20.76
C SER A 214 9.79 -14.84 -22.19
N PHE A 215 9.83 -13.58 -22.59
CA PHE A 215 10.46 -13.25 -23.87
C PHE A 215 11.96 -13.29 -23.68
N ILE A 216 12.40 -12.79 -22.52
CA ILE A 216 13.80 -12.78 -22.16
C ILE A 216 14.26 -14.19 -21.75
N ASP A 217 13.50 -14.86 -20.89
CA ASP A 217 13.85 -16.21 -20.51
C ASP A 217 12.72 -17.17 -20.93
N THR A 218 12.89 -17.83 -22.07
CA THR A 218 11.81 -18.58 -22.71
C THR A 218 11.47 -19.88 -22.01
N SER A 219 12.25 -20.24 -20.99
CA SER A 219 11.92 -21.41 -20.17
C SER A 219 10.74 -21.14 -19.22
N LEU A 220 10.50 -19.86 -18.88
CA LEU A 220 9.39 -19.41 -18.00
C LEU A 220 7.96 -19.59 -18.53
N GLY A 221 7.78 -19.46 -19.84
CA GLY A 221 6.47 -19.47 -20.47
C GLY A 221 6.65 -19.03 -21.91
N THR A 222 5.61 -18.49 -22.52
CA THR A 222 5.65 -18.00 -23.90
C THR A 222 4.97 -16.64 -24.00
N PHE A 223 5.75 -15.62 -24.37
CA PHE A 223 5.20 -14.29 -24.56
C PHE A 223 4.24 -14.36 -25.74
N ASN A 224 3.01 -13.91 -25.52
CA ASN A 224 1.95 -14.15 -26.49
C ASN A 224 1.39 -12.92 -27.21
N PHE A 225 2.20 -11.87 -27.38
CA PHE A 225 1.70 -10.70 -28.13
C PHE A 225 1.08 -11.09 -29.50
N ASP A 226 1.72 -12.00 -30.21
CA ASP A 226 1.18 -12.57 -31.45
C ASP A 226 -0.25 -13.05 -31.30
N ALA A 227 -0.52 -13.76 -30.21
CA ALA A 227 -1.86 -14.27 -29.93
C ALA A 227 -2.81 -13.10 -29.68
N TRP A 228 -2.37 -12.09 -28.93
CA TRP A 228 -3.25 -10.91 -28.74
C TRP A 228 -3.52 -10.20 -30.06
N VAL A 229 -2.56 -10.21 -31.00
CA VAL A 229 -2.82 -9.60 -32.32
C VAL A 229 -3.89 -10.45 -33.03
N THR A 230 -3.71 -11.75 -33.03
CA THR A 230 -4.73 -12.61 -33.64
C THR A 230 -6.11 -12.44 -33.03
N VAL A 231 -6.21 -12.42 -31.69
CA VAL A 231 -7.54 -12.39 -31.03
C VAL A 231 -8.36 -11.11 -31.33
N LEU A 232 -7.70 -9.97 -31.57
CA LEU A 232 -8.41 -8.77 -32.01
C LEU A 232 -9.24 -8.95 -33.29
N LYS A 233 -8.78 -9.83 -34.18
CA LYS A 233 -9.30 -9.89 -35.55
C LYS A 233 -10.80 -10.17 -35.64
N ALA A 234 -11.33 -11.07 -34.80
CA ALA A 234 -12.80 -11.24 -34.76
C ALA A 234 -13.54 -10.22 -33.89
N SER A 235 -12.79 -9.51 -33.05
CA SER A 235 -13.40 -8.65 -32.05
C SER A 235 -13.93 -7.32 -32.59
N ALA A 236 -14.85 -6.72 -31.86
CA ALA A 236 -15.26 -5.35 -32.15
C ALA A 236 -14.09 -4.39 -31.90
N SER A 237 -13.08 -4.82 -31.16
CA SER A 237 -11.86 -4.00 -30.94
C SER A 237 -10.78 -4.26 -32.00
N LYS A 238 -11.17 -4.81 -33.14
CA LYS A 238 -10.23 -5.15 -34.22
C LYS A 238 -9.29 -4.01 -34.62
N ASP A 239 -9.70 -2.76 -34.44
CA ASP A 239 -8.82 -1.61 -34.74
C ASP A 239 -8.09 -1.05 -33.53
N ALA A 240 -8.23 -1.71 -32.38
CA ALA A 240 -7.45 -1.36 -31.18
C ALA A 240 -5.95 -1.42 -31.42
N LYS A 241 -5.19 -0.44 -30.88
CA LYS A 241 -3.74 -0.58 -30.78
C LYS A 241 -3.39 -1.36 -29.50
N LEU A 242 -2.42 -2.27 -29.61
CA LEU A 242 -1.97 -3.10 -28.48
C LEU A 242 -0.68 -2.58 -27.87
N TYR A 243 -0.65 -2.45 -26.55
CA TYR A 243 0.49 -1.89 -25.82
C TYR A 243 1.07 -2.95 -24.93
N VAL A 244 2.38 -2.91 -24.72
CA VAL A 244 3.04 -3.85 -23.79
C VAL A 244 3.13 -3.27 -22.39
N GLY A 245 2.36 -3.86 -21.48
CA GLY A 245 2.30 -3.37 -20.10
C GLY A 245 3.39 -3.98 -19.25
N LEU A 246 4.16 -3.12 -18.58
CA LEU A 246 5.31 -3.55 -17.82
C LEU A 246 5.40 -2.85 -16.47
N PRO A 247 6.02 -3.52 -15.49
CA PRO A 247 6.25 -2.90 -14.20
C PRO A 247 7.39 -1.88 -14.32
N ALA A 248 7.30 -0.78 -13.59
CA ALA A 248 8.24 0.32 -13.80
C ALA A 248 9.42 0.26 -12.86
N SER A 249 9.38 -0.73 -11.97
CA SER A 249 10.50 -1.04 -11.09
C SER A 249 10.43 -2.50 -10.63
N GLU A 250 11.49 -2.94 -9.94
CA GLU A 250 11.55 -4.26 -9.27
C GLU A 250 10.42 -4.59 -8.29
N THR A 251 9.88 -3.58 -7.63
CA THR A 251 8.90 -3.85 -6.58
C THR A 251 7.47 -3.43 -6.93
N ALA A 252 7.27 -2.92 -8.15
CA ALA A 252 5.94 -2.47 -8.60
C ALA A 252 4.98 -3.65 -8.76
N ALA A 253 5.48 -4.79 -9.23
CA ALA A 253 4.65 -6.01 -9.40
C ALA A 253 5.27 -7.18 -8.65
N ASN A 254 4.75 -8.39 -8.87
CA ASN A 254 5.34 -9.59 -8.30
C ASN A 254 6.79 -9.73 -8.73
N GLN A 255 7.56 -10.44 -7.90
CA GLN A 255 8.97 -10.66 -8.12
C GLN A 255 9.21 -11.36 -9.45
N GLY A 256 10.17 -10.85 -10.20
CA GLY A 256 10.60 -11.52 -11.41
C GLY A 256 9.95 -11.14 -12.71
N TYR A 257 9.21 -10.03 -12.71
CA TYR A 257 8.56 -9.53 -13.93
C TYR A 257 9.14 -8.21 -14.47
N TYR A 258 9.97 -7.56 -13.68
CA TYR A 258 10.62 -6.36 -14.19
C TYR A 258 11.64 -6.71 -15.27
N LEU A 259 11.68 -5.90 -16.35
CA LEU A 259 12.72 -5.96 -17.37
C LEU A 259 13.62 -4.70 -17.31
N THR A 260 14.93 -4.89 -17.49
CA THR A 260 15.84 -3.74 -17.62
C THR A 260 15.51 -3.00 -18.94
N PRO A 261 15.92 -1.71 -19.07
CA PRO A 261 15.74 -1.09 -20.38
C PRO A 261 16.31 -1.92 -21.55
N ASP A 262 17.48 -2.54 -21.40
CA ASP A 262 18.05 -3.30 -22.56
C ASP A 262 17.15 -4.50 -22.92
N GLU A 263 16.63 -5.17 -21.89
CA GLU A 263 15.68 -6.26 -22.14
C GLU A 263 14.41 -5.76 -22.83
N VAL A 264 13.94 -4.58 -22.42
CA VAL A 264 12.74 -4.02 -23.03
C VAL A 264 13.00 -3.69 -24.49
N GLU A 265 14.11 -3.01 -24.78
CA GLU A 265 14.47 -2.80 -26.18
C GLU A 265 14.43 -4.06 -27.06
N SER A 266 15.07 -5.14 -26.62
CA SER A 266 15.08 -6.35 -27.44
C SER A 266 13.63 -6.80 -27.76
N LEU A 267 12.75 -6.76 -26.75
CA LEU A 267 11.33 -7.14 -26.92
C LEU A 267 10.61 -6.21 -27.90
N VAL A 268 10.71 -4.92 -27.59
CA VAL A 268 10.01 -3.84 -28.30
C VAL A 268 10.44 -3.72 -29.77
N SER A 269 11.75 -3.73 -30.03
CA SER A 269 12.21 -3.61 -31.42
C SER A 269 11.72 -4.81 -32.25
N THR A 270 11.80 -6.02 -31.71
CA THR A 270 11.19 -7.20 -32.37
C THR A 270 9.72 -6.93 -32.68
N TYR A 271 8.93 -6.54 -31.67
CA TYR A 271 7.48 -6.49 -31.86
C TYR A 271 6.98 -5.24 -32.58
N MET A 272 7.69 -4.13 -32.38
CA MET A 272 7.40 -2.93 -33.13
C MET A 272 7.61 -3.20 -34.60
N ASP A 273 8.75 -3.81 -34.96
CA ASP A 273 8.99 -4.26 -36.33
C ASP A 273 7.98 -5.23 -36.86
N ARG A 274 7.58 -6.21 -36.07
CA ARG A 274 6.63 -7.23 -36.59
C ARG A 274 5.21 -6.69 -36.84
N TYR A 275 4.77 -5.74 -36.00
CA TYR A 275 3.39 -5.26 -36.10
C TYR A 275 3.35 -3.73 -36.12
N PRO A 276 3.80 -3.11 -37.23
CA PRO A 276 3.97 -1.65 -37.19
C PRO A 276 2.64 -0.88 -37.06
N ASP A 277 1.53 -1.46 -37.52
CA ASP A 277 0.24 -0.80 -37.42
C ASP A 277 -0.48 -1.07 -36.10
N THR A 278 -0.32 -2.27 -35.53
CA THR A 278 -1.04 -2.67 -34.33
C THR A 278 -0.31 -2.36 -33.01
N PHE A 279 1.02 -2.45 -32.99
CA PHE A 279 1.78 -2.17 -31.78
C PHE A 279 1.60 -0.68 -31.45
N GLY A 280 1.03 -0.39 -30.27
CA GLY A 280 0.76 0.99 -29.86
C GLY A 280 1.86 1.64 -29.05
N GLY A 281 2.61 0.81 -28.32
CA GLY A 281 3.69 1.26 -27.43
C GLY A 281 3.72 0.52 -26.10
N ILE A 282 4.16 1.26 -25.07
CA ILE A 282 4.37 0.70 -23.72
C ILE A 282 3.41 1.33 -22.72
N MET A 283 2.86 0.50 -21.81
CA MET A 283 2.13 0.98 -20.62
C MET A 283 2.97 0.64 -19.37
N LEU A 284 2.97 1.55 -18.40
CA LEU A 284 3.76 1.37 -17.20
C LEU A 284 2.89 1.37 -15.94
N TRP A 285 3.11 0.36 -15.10
CA TRP A 285 2.56 0.30 -13.74
C TRP A 285 3.78 0.53 -12.82
N GLU A 286 3.97 1.73 -12.23
CA GLU A 286 3.14 2.89 -12.41
C GLU A 286 4.03 4.13 -12.12
N ALA A 287 3.45 5.30 -12.01
CA ALA A 287 4.21 6.55 -12.07
C ALA A 287 5.21 6.63 -10.95
N THR A 288 4.84 6.29 -9.71
CA THR A 288 5.79 6.47 -8.60
C THR A 288 6.98 5.50 -8.69
N ALA A 289 6.69 4.24 -9.03
CA ALA A 289 7.68 3.21 -9.26
C ALA A 289 8.65 3.68 -10.35
N SER A 290 8.12 4.25 -11.42
CA SER A 290 8.95 4.82 -12.46
C SER A 290 9.87 5.95 -11.91
N GLU A 291 9.27 6.89 -11.18
CA GLU A 291 10.00 8.09 -10.67
C GLU A 291 11.12 7.73 -9.66
N ASN A 292 10.84 6.74 -8.84
CA ASN A 292 11.79 6.24 -7.86
C ASN A 292 12.87 5.34 -8.46
N ASN A 293 12.64 4.79 -9.66
CA ASN A 293 13.63 3.97 -10.38
C ASN A 293 14.43 4.83 -11.39
N GLN A 294 15.39 5.57 -10.85
CA GLN A 294 16.25 6.44 -11.64
C GLN A 294 17.42 5.63 -12.18
N ILE A 295 17.55 5.61 -13.50
CA ILE A 295 18.66 4.93 -14.16
C ILE A 295 19.39 6.01 -14.96
N ASP A 296 20.67 6.19 -14.70
CA ASP A 296 21.48 7.23 -15.39
C ASP A 296 20.78 8.57 -15.24
N GLY A 297 20.29 8.84 -14.04
CA GLY A 297 19.67 10.12 -13.72
C GLY A 297 18.34 10.44 -14.39
N ALA A 298 17.65 9.42 -14.89
CA ALA A 298 16.38 9.65 -15.50
C ALA A 298 15.43 8.50 -15.07
N PRO A 299 14.14 8.80 -14.85
CA PRO A 299 13.22 7.78 -14.36
C PRO A 299 12.92 6.72 -15.43
N TYR A 300 12.43 5.58 -15.01
CA TYR A 300 12.24 4.47 -15.93
C TYR A 300 11.45 4.86 -17.18
N ALA A 301 10.35 5.60 -17.01
CA ALA A 301 9.48 6.01 -18.14
C ALA A 301 10.23 6.74 -19.29
N ASP A 302 11.19 7.56 -18.93
CA ASP A 302 11.97 8.25 -19.94
C ASP A 302 12.80 7.27 -20.80
N HIS A 303 13.38 6.23 -20.20
CA HIS A 303 14.12 5.20 -20.95
C HIS A 303 13.16 4.44 -21.85
N MET A 304 11.92 4.26 -21.40
CA MET A 304 10.91 3.56 -22.21
C MET A 304 10.57 4.39 -23.47
N LYS A 305 10.48 5.71 -23.33
CA LYS A 305 10.22 6.56 -24.49
C LYS A 305 11.41 6.55 -25.46
N ASP A 306 12.63 6.56 -24.92
CA ASP A 306 13.85 6.40 -25.72
C ASP A 306 13.76 5.18 -26.63
N ILE A 307 13.38 4.04 -26.06
CA ILE A 307 13.31 2.80 -26.80
C ILE A 307 12.26 2.93 -27.90
N LEU A 308 11.13 3.55 -27.60
CA LEU A 308 10.06 3.65 -28.56
C LEU A 308 10.40 4.58 -29.73
N LEU A 309 11.22 5.58 -29.46
CA LEU A 309 11.58 6.59 -30.45
C LEU A 309 12.82 6.24 -31.24
N HIS A 310 13.72 5.47 -30.62
CA HIS A 310 14.97 5.02 -31.22
C HIS A 310 14.57 3.98 -32.23
N SER B 2 -11.66 0.93 22.38
CA SER B 2 -10.46 0.92 21.49
C SER B 2 -9.37 -0.13 21.90
N ASN B 3 -8.27 -0.16 21.15
CA ASN B 3 -7.33 -1.26 21.15
C ASN B 3 -6.23 -1.25 22.23
N LEU B 4 -5.90 -2.47 22.64
CA LEU B 4 -4.74 -2.72 23.48
C LEU B 4 -3.67 -3.49 22.71
N ALA B 5 -2.51 -2.82 22.55
CA ALA B 5 -1.31 -3.41 21.92
C ALA B 5 -0.23 -3.70 22.95
N ILE B 6 0.55 -4.75 22.69
CA ILE B 6 1.61 -5.15 23.62
C ILE B 6 2.78 -5.75 22.86
N TYR B 7 4.01 -5.47 23.33
CA TYR B 7 5.19 -6.17 22.84
C TYR B 7 5.43 -7.51 23.53
N TRP B 8 6.02 -8.46 22.82
CA TRP B 8 6.46 -9.71 23.42
C TRP B 8 7.68 -10.14 22.66
N GLY B 9 8.50 -11.00 23.28
CA GLY B 9 9.70 -11.49 22.62
C GLY B 9 10.97 -11.21 23.41
N GLN B 10 10.98 -10.10 24.14
CA GLN B 10 12.16 -9.66 24.88
C GLN B 10 11.94 -9.73 26.41
N GLY B 11 10.96 -10.54 26.84
CA GLY B 11 10.69 -10.64 28.28
C GLY B 11 11.58 -11.71 28.92
N PRO B 12 12.31 -11.35 29.98
CA PRO B 12 13.14 -12.34 30.71
C PRO B 12 12.30 -13.56 31.15
N ASN B 13 12.72 -14.76 30.82
CA ASN B 13 11.94 -16.00 31.11
C ASN B 13 10.51 -16.01 30.61
N GLN B 14 10.22 -15.19 29.61
CA GLN B 14 8.86 -14.97 29.18
C GLN B 14 8.18 -16.32 28.93
N LEU B 15 6.90 -16.39 29.24
CA LEU B 15 6.10 -17.52 28.76
C LEU B 15 5.99 -17.45 27.25
N ARG B 16 5.73 -18.61 26.64
CA ARG B 16 5.65 -18.71 25.21
C ARG B 16 4.48 -17.83 24.70
N LEU B 17 4.51 -17.46 23.42
CA LEU B 17 3.45 -16.58 22.89
C LEU B 17 2.02 -17.13 23.07
N SER B 18 1.86 -18.46 22.98
CA SER B 18 0.50 -18.97 23.06
C SER B 18 -0.16 -18.53 24.35
N HIS B 19 0.62 -18.44 25.43
CA HIS B 19 0.06 -17.91 26.66
C HIS B 19 -0.64 -16.56 26.46
N PHE B 20 -0.02 -15.69 25.66
CA PHE B 20 -0.59 -14.37 25.49
C PHE B 20 -1.69 -14.43 24.44
N CYS B 21 -1.60 -15.39 23.53
CA CYS B 21 -2.69 -15.60 22.58
C CYS B 21 -4.00 -15.99 23.30
N GLN B 22 -3.89 -16.39 24.56
CA GLN B 22 -5.06 -16.78 25.36
C GLN B 22 -5.52 -15.66 26.27
N GLU B 23 -4.77 -14.55 26.31
CA GLU B 23 -5.19 -13.43 27.11
C GLU B 23 -6.19 -12.55 26.32
N THR B 24 -7.45 -12.59 26.73
CA THR B 24 -8.58 -12.04 25.97
C THR B 24 -8.40 -10.55 25.69
N SER B 25 -7.75 -9.84 26.60
CA SER B 25 -7.69 -8.39 26.51
C SER B 25 -6.83 -7.87 25.37
N LEU B 26 -5.86 -8.65 24.91
CA LEU B 26 -4.86 -8.18 23.95
C LEU B 26 -5.40 -8.09 22.54
N ASP B 27 -5.19 -6.95 21.88
CA ASP B 27 -5.69 -6.83 20.51
C ASP B 27 -4.62 -7.01 19.47
N ILE B 28 -3.45 -6.48 19.78
CA ILE B 28 -2.34 -6.50 18.89
C ILE B 28 -1.08 -6.92 19.66
N ILE B 29 -0.30 -7.82 19.10
CA ILE B 29 0.98 -8.19 19.70
C ILE B 29 2.15 -7.96 18.78
N ASN B 30 3.11 -7.15 19.25
CA ASN B 30 4.29 -6.87 18.49
C ASN B 30 5.43 -7.76 18.96
N ILE B 31 5.90 -8.62 18.06
CA ILE B 31 7.01 -9.52 18.31
C ILE B 31 8.36 -8.85 17.98
N GLY B 32 9.16 -8.66 19.02
CA GLY B 32 10.45 -7.94 18.93
C GLY B 32 11.56 -8.94 19.18
N PHE B 33 12.54 -9.04 18.29
CA PHE B 33 12.81 -8.06 17.21
C PHE B 33 13.62 -8.58 16.06
N ILE B 34 13.38 -8.03 14.87
CA ILE B 34 14.40 -8.07 13.80
C ILE B 34 15.33 -6.91 14.19
N ASN B 35 16.41 -7.21 14.88
CA ASN B 35 17.25 -6.17 15.52
C ASN B 35 18.56 -5.83 14.83
N TYR B 36 18.94 -6.68 13.89
CA TYR B 36 20.14 -6.48 13.06
C TYR B 36 19.76 -6.20 11.62
N PHE B 37 20.30 -5.11 11.10
CA PHE B 37 19.95 -4.64 9.76
C PHE B 37 20.96 -5.14 8.71
N PRO B 38 20.51 -5.35 7.46
CA PRO B 38 21.37 -5.88 6.38
C PRO B 38 22.67 -5.10 6.14
N ASP B 39 22.62 -3.78 6.19
CA ASP B 39 23.82 -2.98 5.92
C ASP B 39 25.01 -3.28 6.85
N MET B 40 24.76 -3.73 8.07
CA MET B 40 25.85 -3.99 8.99
C MET B 40 25.82 -5.40 9.60
N SER B 41 25.15 -6.32 8.94
CA SER B 41 25.05 -7.70 9.41
C SER B 41 25.69 -8.69 8.44
N PRO B 42 26.23 -9.81 8.99
CA PRO B 42 26.83 -10.86 8.16
C PRO B 42 25.88 -11.29 7.06
N GLY B 43 26.41 -11.41 5.85
CA GLY B 43 25.66 -11.85 4.69
C GLY B 43 24.72 -10.83 4.08
N HIS B 44 24.65 -9.64 4.65
CA HIS B 44 23.62 -8.64 4.29
C HIS B 44 22.20 -9.19 4.42
N TRP B 45 22.03 -10.19 5.29
CA TRP B 45 20.71 -10.62 5.73
C TRP B 45 20.42 -9.92 7.05
N PRO B 46 19.14 -9.56 7.30
CA PRO B 46 18.83 -9.08 8.63
C PRO B 46 18.94 -10.18 9.69
N GLY B 47 19.05 -9.78 10.95
CA GLY B 47 19.17 -10.75 12.05
C GLY B 47 18.06 -10.58 13.05
N SER B 48 17.73 -11.64 13.78
CA SER B 48 16.66 -11.57 14.78
C SER B 48 17.07 -12.05 16.19
N ASN B 49 16.27 -11.64 17.16
CA ASN B 49 16.47 -11.98 18.54
C ASN B 49 15.11 -12.03 19.20
N PHE B 50 14.74 -13.19 19.71
CA PHE B 50 13.47 -13.29 20.39
C PHE B 50 13.65 -13.85 21.79
N GLY B 51 14.62 -13.30 22.53
CA GLY B 51 14.89 -13.73 23.92
C GLY B 51 14.99 -15.24 24.05
N ASN B 52 14.33 -15.80 25.05
CA ASN B 52 14.44 -17.26 25.33
C ASN B 52 13.63 -18.14 24.38
N GLN B 53 13.27 -17.60 23.22
CA GLN B 53 12.59 -18.39 22.20
C GLN B 53 13.62 -18.75 21.14
N CYS B 54 13.40 -19.84 20.42
CA CYS B 54 14.25 -20.25 19.28
C CYS B 54 15.49 -21.01 19.77
N ASP B 55 15.81 -22.09 19.05
CA ASP B 55 16.91 -22.99 19.39
C ASP B 55 18.32 -22.37 19.15
N GLY B 56 18.38 -21.13 18.66
CA GLY B 56 19.65 -20.41 18.54
C GLY B 56 20.45 -20.66 17.27
N SER B 57 20.06 -21.66 16.47
CA SER B 57 20.56 -21.79 15.11
C SER B 57 20.18 -20.61 14.25
N VAL B 58 20.97 -20.41 13.19
CA VAL B 58 20.86 -19.25 12.33
C VAL B 58 21.02 -19.69 10.92
N TYR B 59 20.43 -18.94 9.99
CA TYR B 59 20.54 -19.22 8.55
C TYR B 59 21.95 -19.01 8.04
N VAL B 60 22.34 -19.81 7.05
CA VAL B 60 23.61 -19.58 6.36
C VAL B 60 23.33 -19.17 4.92
N THR B 61 23.92 -18.07 4.45
CA THR B 61 23.63 -17.61 3.08
C THR B 61 24.12 -18.64 2.08
N ASN B 62 23.63 -18.57 0.84
CA ASN B 62 24.09 -19.50 -0.23
C ASN B 62 25.60 -19.48 -0.49
N ASP B 63 26.26 -18.34 -0.27
CA ASP B 63 27.72 -18.26 -0.30
C ASP B 63 28.34 -18.83 0.97
N GLY B 64 27.54 -19.57 1.74
CA GLY B 64 27.96 -20.10 3.04
C GLY B 64 28.37 -19.10 4.10
N VAL B 65 27.76 -17.92 4.15
CA VAL B 65 28.08 -16.96 5.21
C VAL B 65 27.08 -17.12 6.35
N VAL B 66 27.57 -17.11 7.60
CA VAL B 66 26.72 -17.26 8.77
C VAL B 66 25.98 -15.95 9.05
N THR B 67 24.65 -16.02 9.01
CA THR B 67 23.80 -14.83 9.28
C THR B 67 23.42 -14.76 10.77
N LYS B 68 22.70 -13.69 11.15
CA LYS B 68 22.12 -13.60 12.50
C LYS B 68 20.61 -13.79 12.53
N LEU B 69 20.05 -14.26 11.42
CA LEU B 69 18.65 -14.53 11.34
C LEU B 69 18.40 -15.93 11.90
N LEU B 70 17.66 -16.00 13.02
CA LEU B 70 17.37 -17.26 13.69
C LEU B 70 16.47 -18.17 12.83
N SER B 71 16.81 -19.44 12.76
CA SER B 71 16.16 -20.38 11.83
C SER B 71 15.32 -21.46 12.49
N GLY B 72 15.30 -21.45 13.83
CA GLY B 72 14.63 -22.52 14.56
C GLY B 72 13.74 -21.97 15.64
N CYS B 73 12.79 -21.11 15.24
CA CYS B 73 11.83 -20.49 16.14
C CYS B 73 10.51 -21.28 16.10
N HIS B 74 10.56 -22.57 16.43
CA HIS B 74 9.42 -23.45 16.28
C HIS B 74 8.20 -23.04 17.15
N GLN B 75 8.44 -22.62 18.39
CA GLN B 75 7.36 -22.18 19.23
C GLN B 75 6.65 -20.94 18.73
N ILE B 76 7.38 -19.97 18.19
CA ILE B 76 6.73 -18.80 17.63
C ILE B 76 5.89 -19.22 16.42
N MET B 77 6.43 -20.09 15.58
CA MET B 77 5.70 -20.56 14.42
C MET B 77 4.39 -21.27 14.81
N GLU B 78 4.41 -21.99 15.93
CA GLU B 78 3.20 -22.73 16.36
C GLU B 78 2.17 -21.80 16.99
N ASP B 79 2.65 -20.70 17.56
CA ASP B 79 1.79 -19.91 18.41
C ASP B 79 1.11 -18.77 17.67
N ILE B 80 1.76 -18.22 16.64
CA ILE B 80 1.21 -17.03 15.96
C ILE B 80 -0.23 -17.29 15.46
N PRO B 81 -0.47 -18.44 14.80
CA PRO B 81 -1.80 -18.81 14.37
C PRO B 81 -2.87 -18.88 15.47
N ILE B 82 -2.48 -19.26 16.69
CA ILE B 82 -3.42 -19.24 17.83
C ILE B 82 -3.90 -17.82 18.09
N CYS B 83 -2.93 -16.88 18.24
CA CYS B 83 -3.27 -15.47 18.31
C CYS B 83 -4.25 -15.03 17.23
N GLN B 84 -3.97 -15.47 16.00
CA GLN B 84 -4.73 -15.07 14.82
C GLN B 84 -6.12 -15.72 14.80
N ALA B 85 -6.20 -16.99 15.17
CA ALA B 85 -7.51 -17.64 15.32
C ALA B 85 -8.32 -16.94 16.40
N ALA B 86 -7.65 -16.30 17.34
CA ALA B 86 -8.34 -15.59 18.43
C ALA B 86 -8.71 -14.16 18.03
N GLY B 87 -8.46 -13.81 16.77
CA GLY B 87 -8.77 -12.49 16.24
C GLY B 87 -7.74 -11.41 16.58
N LYS B 88 -6.52 -11.76 16.96
CA LYS B 88 -5.53 -10.73 17.29
C LYS B 88 -4.67 -10.41 16.06
N LYS B 89 -4.04 -9.23 16.03
CA LYS B 89 -3.09 -8.91 14.97
C LYS B 89 -1.68 -9.08 15.50
N VAL B 90 -0.86 -9.76 14.70
CA VAL B 90 0.51 -10.08 15.08
C VAL B 90 1.44 -9.33 14.11
N LEU B 91 2.08 -8.29 14.63
CA LEU B 91 3.08 -7.55 13.84
C LEU B 91 4.50 -8.01 14.20
N LEU B 92 5.37 -8.10 13.19
CA LEU B 92 6.79 -8.35 13.41
C LEU B 92 7.52 -6.99 13.60
N SER B 93 8.21 -6.82 14.71
CA SER B 93 8.78 -5.51 15.04
C SER B 93 10.25 -5.42 14.61
N ILE B 94 10.64 -4.25 14.13
CA ILE B 94 11.97 -4.06 13.55
C ILE B 94 12.68 -3.03 14.43
N GLY B 95 13.90 -3.36 14.87
CA GLY B 95 14.70 -2.45 15.68
C GLY B 95 14.74 -2.89 17.12
N GLY B 96 14.17 -2.09 18.01
CA GLY B 96 14.26 -2.31 19.46
C GLY B 96 15.47 -1.57 20.00
N ALA B 97 15.68 -1.56 21.31
CA ALA B 97 16.79 -0.76 21.89
C ALA B 97 18.21 -1.32 21.66
N TYR B 98 18.34 -2.64 21.56
CA TYR B 98 19.67 -3.29 21.43
C TYR B 98 19.82 -4.11 20.17
N PRO B 99 20.93 -3.95 19.45
CA PRO B 99 22.11 -3.10 19.76
C PRO B 99 21.94 -1.65 19.35
N PRO B 100 22.86 -0.77 19.78
CA PRO B 100 22.60 0.64 19.52
C PRO B 100 23.16 1.18 18.18
N ASP B 101 23.62 0.27 17.33
CA ASP B 101 24.38 0.66 16.15
C ASP B 101 23.81 0.24 14.79
N GLN B 102 22.51 -0.05 14.72
CA GLN B 102 21.95 -0.50 13.42
C GLN B 102 21.27 0.66 12.73
N SER B 103 21.37 0.67 11.41
CA SER B 103 20.67 1.67 10.61
C SER B 103 20.59 1.30 9.14
N ILE B 104 19.93 2.15 8.36
CA ILE B 104 19.83 1.95 6.93
C ILE B 104 20.73 2.93 6.18
N LEU B 105 21.55 2.42 5.28
CA LEU B 105 22.60 3.19 4.62
C LEU B 105 22.17 3.79 3.26
N SER B 106 21.27 3.12 2.56
CA SER B 106 20.88 3.65 1.26
C SER B 106 19.43 3.37 0.90
N GLU B 107 18.91 4.14 -0.07
CA GLU B 107 17.58 3.88 -0.64
CA GLU B 107 17.58 3.89 -0.60
C GLU B 107 17.46 2.45 -1.09
N ASP B 108 18.47 1.98 -1.83
CA ASP B 108 18.49 0.61 -2.35
C ASP B 108 18.41 -0.45 -1.23
N SER B 109 19.13 -0.21 -0.14
CA SER B 109 19.16 -1.19 0.96
C SER B 109 17.85 -1.15 1.76
N ALA B 110 17.29 0.06 1.89
CA ALA B 110 15.92 0.23 2.41
C ALA B 110 14.93 -0.65 1.62
N VAL B 111 14.86 -0.52 0.30
CA VAL B 111 13.93 -1.38 -0.50
C VAL B 111 14.19 -2.86 -0.27
N ALA B 112 15.46 -3.26 -0.41
CA ALA B 112 15.89 -4.64 -0.20
C ALA B 112 15.52 -5.23 1.17
N PHE B 113 15.68 -4.44 2.24
CA PHE B 113 15.25 -4.81 3.61
C PHE B 113 13.75 -5.18 3.64
N ALA B 114 12.90 -4.30 3.09
CA ALA B 114 11.45 -4.60 2.99
C ALA B 114 11.19 -5.82 2.14
N THR B 115 11.84 -5.91 0.98
CA THR B 115 11.69 -7.10 0.13
C THR B 115 12.03 -8.40 0.89
N PHE B 116 13.17 -8.40 1.60
CA PHE B 116 13.57 -9.54 2.41
C PHE B 116 12.50 -9.96 3.45
N LEU B 117 12.12 -9.00 4.30
CA LEU B 117 11.13 -9.28 5.35
C LEU B 117 9.79 -9.73 4.75
N TRP B 118 9.39 -9.09 3.65
CA TRP B 118 8.15 -9.43 2.99
C TRP B 118 8.16 -10.88 2.46
N GLY B 119 9.23 -11.28 1.78
CA GLY B 119 9.36 -12.65 1.30
C GLY B 119 9.51 -13.66 2.43
N ALA B 120 10.27 -13.27 3.45
CA ALA B 120 10.53 -14.16 4.60
C ALA B 120 9.31 -14.41 5.51
N PHE B 121 8.56 -13.34 5.78
CA PHE B 121 7.55 -13.33 6.85
C PHE B 121 6.13 -13.01 6.37
N GLY B 122 6.00 -12.55 5.12
CA GLY B 122 4.70 -12.19 4.58
C GLY B 122 4.13 -13.43 3.93
N PRO B 123 3.25 -13.24 2.95
CA PRO B 123 2.71 -14.45 2.29
C PRO B 123 3.79 -15.31 1.64
N VAL B 124 3.53 -16.62 1.60
CA VAL B 124 4.36 -17.54 0.84
C VAL B 124 4.13 -17.25 -0.62
N ALA B 125 5.19 -16.84 -1.31
CA ALA B 125 5.08 -16.45 -2.71
C ALA B 125 5.71 -17.49 -3.64
N GLU B 126 5.22 -17.48 -4.88
CA GLU B 126 5.68 -18.39 -5.93
C GLU B 126 7.22 -18.59 -6.07
N GLY B 127 7.93 -17.51 -6.41
CA GLY B 127 9.36 -17.62 -6.66
C GLY B 127 10.27 -17.32 -5.48
N TRP B 128 9.73 -17.36 -4.25
CA TRP B 128 10.53 -17.07 -3.06
C TRP B 128 11.49 -18.21 -2.73
N GLU B 129 12.78 -17.90 -2.75
CA GLU B 129 13.80 -18.92 -2.50
C GLU B 129 14.52 -18.66 -1.19
N GLY B 130 14.16 -17.57 -0.52
CA GLY B 130 14.87 -17.19 0.70
C GLY B 130 14.34 -17.98 1.88
N PRO B 131 14.70 -17.55 3.09
CA PRO B 131 14.26 -18.24 4.32
C PRO B 131 12.76 -18.02 4.64
N ARG B 132 12.16 -18.94 5.39
CA ARG B 132 10.84 -18.76 5.99
C ARG B 132 11.00 -19.07 7.46
N PRO B 133 11.46 -18.10 8.26
CA PRO B 133 11.77 -18.39 9.67
C PRO B 133 10.59 -18.81 10.55
N PHE B 134 9.36 -18.39 10.24
CA PHE B 134 8.18 -18.90 10.94
C PHE B 134 7.38 -19.84 10.04
N GLY B 135 8.04 -20.44 9.05
CA GLY B 135 7.40 -21.34 8.10
C GLY B 135 6.33 -20.66 7.27
N ASP B 136 5.18 -21.34 7.16
CA ASP B 136 4.02 -20.81 6.45
C ASP B 136 3.19 -19.74 7.16
N VAL B 137 3.50 -19.43 8.39
CA VAL B 137 2.84 -18.36 9.08
C VAL B 137 2.98 -17.06 8.24
N VAL B 138 1.92 -16.26 8.20
CA VAL B 138 1.90 -14.94 7.58
C VAL B 138 1.62 -13.96 8.70
N VAL B 139 2.58 -13.10 8.98
CA VAL B 139 2.35 -12.09 9.99
C VAL B 139 1.31 -11.10 9.49
N ASP B 140 0.71 -10.31 10.37
CA ASP B 140 -0.29 -9.34 9.92
C ASP B 140 0.34 -7.99 9.52
N GLY B 141 1.65 -7.86 9.66
CA GLY B 141 2.30 -6.60 9.28
C GLY B 141 3.58 -6.38 10.03
N PHE B 142 4.03 -5.12 10.09
CA PHE B 142 5.37 -4.80 10.51
C PHE B 142 5.40 -3.55 11.37
N ASP B 143 6.15 -3.60 12.45
CA ASP B 143 6.26 -2.51 13.40
C ASP B 143 7.65 -1.86 13.31
N PHE B 144 7.70 -0.54 13.34
CA PHE B 144 8.96 0.19 13.19
C PHE B 144 9.33 0.77 14.53
N ASP B 145 10.10 0.00 15.29
CA ASP B 145 10.51 0.40 16.64
C ASP B 145 11.95 0.85 16.54
N ILE B 146 12.18 1.96 15.84
CA ILE B 146 13.52 2.42 15.60
C ILE B 146 13.88 3.39 16.71
N GLU B 147 15.01 3.17 17.37
CA GLU B 147 15.38 3.96 18.57
C GLU B 147 16.76 4.59 18.52
N HIS B 148 17.51 4.28 17.47
CA HIS B 148 18.85 4.85 17.36
C HIS B 148 19.21 5.18 15.93
N ASN B 149 20.03 6.22 15.77
CA ASN B 149 20.80 6.46 14.55
C ASN B 149 20.06 7.23 13.43
N GLY B 150 18.95 7.90 13.76
CA GLY B 150 18.26 8.79 12.83
C GLY B 150 17.23 8.10 11.97
N GLY B 151 16.68 8.83 10.99
CA GLY B 151 15.55 8.27 10.28
C GLY B 151 15.71 8.03 8.80
N PHE B 152 16.97 7.91 8.32
CA PHE B 152 17.21 7.63 6.90
C PHE B 152 16.57 6.27 6.57
N GLY B 153 15.89 6.20 5.43
CA GLY B 153 15.52 4.92 4.83
C GLY B 153 14.18 4.31 5.21
N TYR B 154 13.68 4.60 6.40
CA TYR B 154 12.43 3.97 6.89
C TYR B 154 11.20 4.33 6.06
N ALA B 155 11.10 5.61 5.67
CA ALA B 155 10.02 6.00 4.74
C ALA B 155 10.02 5.10 3.51
N THR B 156 11.20 4.83 2.93
CA THR B 156 11.26 4.03 1.70
C THR B 156 10.86 2.58 2.00
N MET B 157 11.32 2.09 3.14
CA MET B 157 11.01 0.75 3.60
C MET B 157 9.51 0.57 3.79
N VAL B 158 8.90 1.45 4.59
CA VAL B 158 7.45 1.48 4.76
C VAL B 158 6.67 1.53 3.44
N ASN B 159 7.11 2.42 2.55
CA ASN B 159 6.45 2.58 1.28
C ASN B 159 6.62 1.40 0.38
N THR B 160 7.72 0.67 0.55
CA THR B 160 7.94 -0.53 -0.18
C THR B 160 6.96 -1.63 0.31
N PHE B 161 6.81 -1.76 1.62
CA PHE B 161 5.82 -2.69 2.21
C PHE B 161 4.42 -2.36 1.68
N ARG B 162 4.09 -1.06 1.68
CA ARG B 162 2.80 -0.60 1.17
C ARG B 162 2.59 -1.04 -0.30
N GLN B 163 3.61 -0.92 -1.15
CA GLN B 163 3.52 -1.42 -2.54
C GLN B 163 3.23 -2.91 -2.58
N TYR B 164 3.93 -3.67 -1.72
CA TYR B 164 3.71 -5.10 -1.60
C TYR B 164 2.35 -5.47 -1.06
N PHE B 165 1.89 -4.78 -0.01
CA PHE B 165 0.53 -5.02 0.55
C PHE B 165 -0.54 -4.90 -0.57
N ASN B 166 -0.36 -3.87 -1.40
CA ASN B 166 -1.33 -3.52 -2.44
C ASN B 166 -1.51 -4.62 -3.48
N GLN B 167 -0.52 -5.50 -3.57
CA GLN B 167 -0.50 -6.62 -4.50
C GLN B 167 -1.34 -7.80 -3.94
N VAL B 168 -1.82 -7.69 -2.69
CA VAL B 168 -2.71 -8.76 -2.09
C VAL B 168 -3.96 -8.06 -1.52
N PRO B 169 -4.86 -7.65 -2.43
CA PRO B 169 -5.99 -6.84 -2.02
C PRO B 169 -7.02 -7.65 -1.21
N GLU B 170 -6.96 -8.97 -1.34
CA GLU B 170 -7.84 -9.87 -0.59
C GLU B 170 -7.50 -9.97 0.93
N ARG B 171 -6.38 -9.38 1.35
CA ARG B 171 -6.02 -9.41 2.76
C ARG B 171 -5.51 -8.05 3.21
N LYS B 172 -5.86 -7.65 4.43
CA LYS B 172 -5.35 -6.42 5.01
C LYS B 172 -4.06 -6.72 5.79
N PHE B 173 -3.07 -5.81 5.70
CA PHE B 173 -1.80 -5.91 6.44
C PHE B 173 -1.60 -4.56 7.05
N TYR B 174 -0.72 -4.46 8.05
CA TYR B 174 -0.64 -3.23 8.84
C TYR B 174 0.77 -2.73 9.00
N LEU B 175 0.88 -1.43 9.21
CA LEU B 175 2.21 -0.87 9.47
C LEU B 175 2.11 -0.02 10.69
N SER B 176 3.09 -0.13 11.57
CA SER B 176 3.06 0.69 12.78
C SER B 176 4.43 1.32 13.08
N ALA B 177 4.45 2.33 13.94
CA ALA B 177 5.71 2.97 14.36
C ALA B 177 5.64 3.24 15.84
N ALA B 178 6.81 3.19 16.50
CA ALA B 178 6.91 3.44 17.91
C ALA B 178 7.82 4.62 18.27
N PRO B 179 7.47 5.84 17.87
CA PRO B 179 8.35 6.96 18.25
C PRO B 179 8.38 7.19 19.76
N GLN B 180 9.29 8.06 20.20
CA GLN B 180 9.29 8.52 21.55
C GLN B 180 8.59 9.86 21.57
N CYS B 181 8.47 10.52 22.72
CA CYS B 181 7.53 11.63 22.85
C CYS B 181 7.97 12.97 22.25
N ILE B 182 9.26 13.27 22.27
CA ILE B 182 9.75 14.57 21.70
C ILE B 182 9.46 14.63 20.19
N ILE B 183 8.94 15.77 19.74
CA ILE B 183 8.72 16.08 18.33
C ILE B 183 9.79 17.11 17.93
N PRO B 184 10.51 16.90 16.81
CA PRO B 184 10.37 15.75 15.92
C PRO B 184 11.10 14.52 16.46
N ASP B 185 10.54 13.35 16.21
CA ASP B 185 11.20 12.15 16.67
C ASP B 185 12.34 11.86 15.72
N ALA B 186 13.53 11.66 16.29
CA ALA B 186 14.80 11.73 15.54
C ALA B 186 14.90 10.59 14.53
N GLN B 187 14.23 9.46 14.86
CA GLN B 187 14.21 8.23 14.06
C GLN B 187 13.01 8.10 13.11
N LEU B 188 11.85 8.60 13.52
CA LEU B 188 10.61 8.18 12.81
C LEU B 188 9.82 9.36 12.26
N SER B 189 10.24 10.58 12.57
CA SER B 189 9.51 11.75 12.10
C SER B 189 9.46 11.74 10.57
N ASP B 190 10.61 11.45 9.95
CA ASP B 190 10.73 11.47 8.50
C ASP B 190 9.77 10.43 7.91
N ALA B 191 9.83 9.22 8.45
CA ALA B 191 8.91 8.20 7.94
C ALA B 191 7.45 8.67 8.09
N ILE B 192 7.12 9.31 9.22
CA ILE B 192 5.74 9.67 9.56
C ILE B 192 5.19 10.70 8.57
N PHE B 193 6.08 11.62 8.16
CA PHE B 193 5.78 12.59 7.13
C PHE B 193 5.75 12.04 5.71
N ASN B 194 6.33 10.86 5.48
CA ASN B 194 6.42 10.37 4.11
C ASN B 194 5.81 8.99 3.91
N ALA B 195 5.05 8.51 4.87
CA ALA B 195 4.41 7.17 4.66
C ALA B 195 3.24 7.14 5.60
N ALA B 196 2.27 6.26 5.29
CA ALA B 196 1.03 6.20 6.00
C ALA B 196 1.07 4.99 6.92
N PHE B 197 1.20 5.21 8.22
CA PHE B 197 1.13 4.10 9.19
C PHE B 197 -0.32 3.86 9.62
N ASP B 198 -0.69 2.60 9.87
CA ASP B 198 -1.99 2.34 10.51
C ASP B 198 -2.04 2.78 11.97
N PHE B 199 -0.97 2.48 12.71
CA PHE B 199 -0.95 2.67 14.14
C PHE B 199 0.33 3.38 14.50
N ILE B 200 0.22 4.33 15.41
CA ILE B 200 1.41 4.96 15.94
C ILE B 200 1.29 4.92 17.45
N TRP B 201 2.17 4.18 18.10
CA TRP B 201 2.17 4.19 19.56
C TRP B 201 3.35 4.99 20.01
N ILE B 202 3.09 6.09 20.69
CA ILE B 202 4.12 6.96 21.24
C ILE B 202 4.62 6.43 22.61
N GLN B 203 5.93 6.16 22.71
CA GLN B 203 6.54 5.71 23.97
C GLN B 203 6.50 6.86 24.97
N TYR B 204 5.62 6.76 25.97
CA TYR B 204 5.44 7.85 26.89
C TYR B 204 6.19 7.64 28.21
N TYR B 205 7.36 7.01 28.09
CA TYR B 205 8.24 6.72 29.19
C TYR B 205 9.69 6.93 28.77
N ASN B 206 10.55 7.19 29.74
CA ASN B 206 11.99 7.30 29.55
C ASN B 206 12.46 8.68 29.09
N THR B 207 11.52 9.59 28.79
CA THR B 207 11.88 11.00 28.49
C THR B 207 11.09 11.97 29.35
N ALA B 208 11.78 12.67 30.25
CA ALA B 208 11.14 13.54 31.26
C ALA B 208 10.24 14.64 30.69
N ALA B 209 10.69 15.19 29.57
CA ALA B 209 10.07 16.38 28.98
C ALA B 209 8.57 16.26 28.66
N CYS B 210 8.13 15.05 28.26
CA CYS B 210 6.79 14.86 27.72
C CYS B 210 6.15 13.51 28.10
N SER B 211 6.68 12.86 29.13
CA SER B 211 6.19 11.56 29.61
C SER B 211 4.73 11.56 30.05
N ALA B 212 4.12 10.36 30.05
CA ALA B 212 2.80 10.15 30.66
C ALA B 212 2.81 10.53 32.13
N LYS B 213 3.90 10.22 32.82
CA LYS B 213 4.06 10.61 34.23
C LYS B 213 3.76 12.06 34.42
N SER B 214 4.28 12.90 33.53
CA SER B 214 4.13 14.35 33.68
C SER B 214 2.69 14.82 33.51
N PHE B 215 1.79 13.98 32.98
CA PHE B 215 0.37 14.30 33.02
C PHE B 215 -0.12 14.23 34.49
N ILE B 216 0.43 13.29 35.25
CA ILE B 216 0.06 13.07 36.66
C ILE B 216 0.77 14.06 37.59
N ASP B 217 2.04 14.35 37.30
CA ASP B 217 2.79 15.36 38.06
C ASP B 217 3.31 16.40 37.05
N THR B 218 2.54 17.45 36.86
CA THR B 218 2.80 18.40 35.79
C THR B 218 4.04 19.24 36.03
N SER B 219 4.72 18.99 37.14
CA SER B 219 5.93 19.72 37.48
C SER B 219 7.12 19.07 36.79
N LEU B 220 6.91 17.86 36.27
CA LEU B 220 7.97 17.06 35.65
C LEU B 220 8.22 17.39 34.19
N GLY B 221 7.24 17.96 33.53
CA GLY B 221 7.26 18.11 32.07
C GLY B 221 5.86 18.38 31.58
N THR B 222 5.66 18.30 30.27
CA THR B 222 4.34 18.58 29.69
C THR B 222 3.99 17.42 28.74
N PHE B 223 3.01 16.63 29.15
CA PHE B 223 2.50 15.52 28.35
C PHE B 223 1.95 16.07 27.03
N ASN B 224 2.58 15.70 25.92
CA ASN B 224 2.34 16.36 24.64
C ASN B 224 1.45 15.61 23.59
N PHE B 225 0.48 14.82 24.04
CA PHE B 225 -0.39 14.09 23.10
C PHE B 225 -1.13 15.04 22.17
N ASP B 226 -1.55 16.20 22.67
CA ASP B 226 -2.10 17.29 21.86
C ASP B 226 -1.17 17.65 20.68
N ALA B 227 0.13 17.75 20.96
CA ALA B 227 1.16 18.11 19.94
C ALA B 227 1.29 17.00 18.92
N TRP B 228 1.13 15.78 19.38
CA TRP B 228 1.23 14.65 18.50
C TRP B 228 0.05 14.55 17.53
N VAL B 229 -1.18 14.75 18.02
CA VAL B 229 -2.35 14.83 17.14
C VAL B 229 -2.12 15.93 16.06
N THR B 230 -1.59 17.07 16.49
CA THR B 230 -1.36 18.14 15.53
C THR B 230 -0.40 17.72 14.45
N VAL B 231 0.75 17.17 14.81
CA VAL B 231 1.75 16.79 13.80
C VAL B 231 1.19 15.67 12.93
N LEU B 232 0.46 14.76 13.56
CA LEU B 232 -0.02 13.61 12.84
C LEU B 232 -0.96 14.09 11.74
N LYS B 233 -1.90 14.95 12.09
CA LYS B 233 -2.85 15.42 11.09
C LYS B 233 -2.18 16.27 9.99
N ALA B 234 -0.98 16.79 10.27
CA ALA B 234 -0.17 17.51 9.26
C ALA B 234 0.76 16.57 8.43
N SER B 235 0.52 15.24 8.45
CA SER B 235 1.47 14.27 7.93
C SER B 235 0.79 13.26 7.01
N ALA B 236 1.60 12.45 6.30
CA ALA B 236 1.09 11.31 5.50
C ALA B 236 0.38 10.29 6.37
N SER B 237 0.64 10.34 7.69
CA SER B 237 0.03 9.42 8.65
C SER B 237 -1.19 10.03 9.36
N LYS B 238 -1.79 11.05 8.70
CA LYS B 238 -3.01 11.68 9.17
C LYS B 238 -4.15 10.73 9.55
N ASP B 239 -4.28 9.60 8.87
CA ASP B 239 -5.33 8.64 9.28
C ASP B 239 -4.92 7.57 10.29
N ALA B 240 -3.71 7.68 10.82
CA ALA B 240 -3.24 6.72 11.81
C ALA B 240 -3.98 6.87 13.13
N LYS B 241 -4.22 5.75 13.82
CA LYS B 241 -4.68 5.77 15.19
C LYS B 241 -3.48 5.91 16.11
N LEU B 242 -3.54 6.90 17.01
CA LEU B 242 -2.48 7.21 17.97
C LEU B 242 -2.68 6.55 19.34
N TYR B 243 -1.68 5.81 19.80
CA TYR B 243 -1.78 5.12 21.07
C TYR B 243 -0.80 5.69 22.12
N VAL B 244 -1.24 5.68 23.39
CA VAL B 244 -0.36 5.94 24.54
C VAL B 244 0.40 4.65 24.95
N GLY B 245 1.72 4.68 24.74
CA GLY B 245 2.59 3.57 25.09
C GLY B 245 3.07 3.78 26.51
N LEU B 246 2.96 2.71 27.31
CA LEU B 246 3.22 2.78 28.76
C LEU B 246 3.97 1.55 29.26
N PRO B 247 4.79 1.73 30.32
CA PRO B 247 5.45 0.59 30.94
C PRO B 247 4.42 -0.24 31.69
N ALA B 248 4.45 -1.56 31.55
CA ALA B 248 3.46 -2.45 32.18
C ALA B 248 3.76 -2.82 33.65
N SER B 249 4.85 -2.29 34.20
CA SER B 249 5.20 -2.44 35.62
C SER B 249 6.19 -1.34 36.05
N GLU B 250 6.51 -1.31 37.34
CA GLU B 250 7.43 -0.32 37.93
C GLU B 250 8.83 -0.43 37.33
N THR B 251 9.19 -1.64 36.93
CA THR B 251 10.55 -1.95 36.48
C THR B 251 10.65 -2.17 34.97
N ALA B 252 9.53 -2.10 34.24
CA ALA B 252 9.55 -2.45 32.81
C ALA B 252 10.34 -1.42 31.99
N ALA B 253 10.32 -0.18 32.44
CA ALA B 253 11.09 0.92 31.85
C ALA B 253 11.88 1.62 32.95
N ASN B 254 12.39 2.82 32.67
CA ASN B 254 13.13 3.57 33.69
C ASN B 254 12.26 3.95 34.89
N GLN B 255 12.91 4.13 36.04
CA GLN B 255 12.21 4.44 37.27
C GLN B 255 11.43 5.72 37.09
N GLY B 256 10.21 5.73 37.63
CA GLY B 256 9.39 6.94 37.66
C GLY B 256 8.52 7.17 36.43
N TYR B 257 8.31 6.14 35.62
CA TYR B 257 7.52 6.26 34.38
C TYR B 257 6.28 5.39 34.32
N TYR B 258 6.20 4.43 35.24
CA TYR B 258 5.00 3.63 35.46
C TYR B 258 3.87 4.46 36.06
N LEU B 259 2.66 4.24 35.56
CA LEU B 259 1.43 4.81 36.12
C LEU B 259 0.56 3.69 36.64
N THR B 260 -0.08 3.93 37.79
CA THR B 260 -1.03 2.99 38.36
C THR B 260 -2.28 2.97 37.47
N PRO B 261 -3.07 1.89 37.56
CA PRO B 261 -4.30 1.89 36.78
C PRO B 261 -5.21 3.11 36.97
N ASP B 262 -5.31 3.67 38.18
CA ASP B 262 -6.15 4.86 38.38
C ASP B 262 -5.51 6.09 37.71
N GLU B 263 -4.19 6.12 37.64
CA GLU B 263 -3.52 7.23 36.93
C GLU B 263 -3.73 7.15 35.41
N VAL B 264 -3.65 5.94 34.87
CA VAL B 264 -3.96 5.70 33.46
C VAL B 264 -5.41 6.12 33.15
N GLU B 265 -6.38 5.72 34.00
CA GLU B 265 -7.77 6.10 33.76
C GLU B 265 -7.99 7.59 33.68
N SER B 266 -7.25 8.37 34.46
CA SER B 266 -7.44 9.80 34.42
C SER B 266 -6.83 10.42 33.16
N LEU B 267 -5.80 9.78 32.63
CA LEU B 267 -5.18 10.19 31.39
C LEU B 267 -6.04 9.77 30.21
N VAL B 268 -6.36 8.48 30.12
CA VAL B 268 -7.07 7.95 28.98
C VAL B 268 -8.44 8.58 28.83
N SER B 269 -9.17 8.76 29.94
CA SER B 269 -10.48 9.35 29.83
C SER B 269 -10.43 10.82 29.43
N THR B 270 -9.42 11.56 29.85
CA THR B 270 -9.26 12.90 29.27
C THR B 270 -9.04 12.80 27.75
N TYR B 271 -8.02 12.02 27.35
CA TYR B 271 -7.59 11.98 25.95
C TYR B 271 -8.49 11.23 24.98
N MET B 272 -9.12 10.15 25.45
CA MET B 272 -10.06 9.41 24.63
C MET B 272 -11.27 10.29 24.32
N ASP B 273 -11.65 11.12 25.28
CA ASP B 273 -12.74 12.07 25.11
C ASP B 273 -12.40 13.18 24.13
N ARG B 274 -11.25 13.80 24.35
CA ARG B 274 -10.78 14.91 23.52
C ARG B 274 -10.58 14.52 22.06
N TYR B 275 -10.09 13.31 21.80
CA TYR B 275 -9.82 12.89 20.42
C TYR B 275 -10.53 11.57 20.08
N PRO B 276 -11.85 11.63 19.84
CA PRO B 276 -12.59 10.37 19.68
C PRO B 276 -12.21 9.58 18.42
N ASP B 277 -11.74 10.25 17.37
CA ASP B 277 -11.39 9.49 16.14
C ASP B 277 -9.92 9.20 15.95
N THR B 278 -9.05 9.97 16.60
CA THR B 278 -7.59 9.77 16.55
C THR B 278 -7.03 8.84 17.64
N PHE B 279 -7.55 8.95 18.86
CA PHE B 279 -7.04 8.15 19.97
C PHE B 279 -7.28 6.69 19.63
N GLY B 280 -6.23 5.86 19.71
CA GLY B 280 -6.36 4.47 19.25
C GLY B 280 -6.43 3.47 20.39
N GLY B 281 -5.90 3.86 21.54
CA GLY B 281 -5.77 2.91 22.65
C GLY B 281 -4.46 3.02 23.40
N ILE B 282 -4.12 1.91 24.04
CA ILE B 282 -2.90 1.79 24.84
C ILE B 282 -1.94 0.78 24.21
N MET B 283 -0.67 1.15 24.24
CA MET B 283 0.39 0.18 23.99
C MET B 283 1.17 -0.06 25.28
N LEU B 284 1.48 -1.32 25.51
CA LEU B 284 2.31 -1.70 26.66
C LEU B 284 3.68 -2.30 26.32
N TRP B 285 4.71 -1.79 27.00
CA TRP B 285 6.00 -2.48 27.10
C TRP B 285 6.05 -3.12 28.51
N GLU B 286 5.87 -4.44 28.66
CA GLU B 286 5.71 -5.43 27.58
C GLU B 286 5.04 -6.67 28.22
N ALA B 287 4.87 -7.75 27.49
CA ALA B 287 4.04 -8.84 27.95
C ALA B 287 4.42 -9.40 29.33
N THR B 288 5.68 -9.71 29.55
CA THR B 288 6.10 -10.41 30.76
C THR B 288 6.04 -9.49 31.96
N ALA B 289 6.38 -8.21 31.77
CA ALA B 289 6.13 -7.20 32.82
C ALA B 289 4.64 -7.11 33.22
N SER B 290 3.74 -7.21 32.25
CA SER B 290 2.31 -7.14 32.51
C SER B 290 1.89 -8.41 33.30
N GLU B 291 2.34 -9.56 32.82
CA GLU B 291 2.01 -10.85 33.45
C GLU B 291 2.50 -10.95 34.89
N ASN B 292 3.64 -10.33 35.19
CA ASN B 292 4.24 -10.35 36.53
C ASN B 292 3.72 -9.24 37.37
N ASN B 293 2.93 -8.35 36.79
CA ASN B 293 2.37 -7.29 37.58
C ASN B 293 0.86 -7.49 37.80
N GLN B 294 0.54 -8.51 38.63
CA GLN B 294 -0.86 -8.83 38.97
C GLN B 294 -1.43 -7.86 39.99
N ILE B 295 -2.61 -7.35 39.70
CA ILE B 295 -3.28 -6.39 40.57
C ILE B 295 -4.71 -6.89 40.74
N ASP B 296 -5.10 -7.11 42.00
CA ASP B 296 -6.39 -7.75 42.32
C ASP B 296 -6.65 -8.96 41.45
N GLY B 297 -5.66 -9.85 41.34
CA GLY B 297 -5.83 -11.09 40.59
C GLY B 297 -5.74 -11.01 39.07
N ALA B 298 -5.41 -9.85 38.51
CA ALA B 298 -5.34 -9.74 37.04
C ALA B 298 -4.07 -8.99 36.60
N PRO B 299 -3.44 -9.44 35.48
CA PRO B 299 -2.26 -8.77 34.91
C PRO B 299 -2.52 -7.32 34.51
N TYR B 300 -1.48 -6.49 34.52
CA TYR B 300 -1.65 -5.10 34.15
C TYR B 300 -2.42 -4.89 32.84
N ALA B 301 -2.08 -5.66 31.80
CA ALA B 301 -2.83 -5.61 30.54
C ALA B 301 -4.35 -5.60 30.72
N ASP B 302 -4.88 -6.55 31.48
CA ASP B 302 -6.32 -6.65 31.75
C ASP B 302 -6.96 -5.38 32.32
N HIS B 303 -6.27 -4.72 33.22
CA HIS B 303 -6.78 -3.48 33.79
C HIS B 303 -6.80 -2.39 32.74
N MET B 304 -5.86 -2.45 31.80
CA MET B 304 -5.77 -1.46 30.71
C MET B 304 -6.97 -1.62 29.78
N LYS B 305 -7.29 -2.87 29.45
CA LYS B 305 -8.44 -3.12 28.60
C LYS B 305 -9.74 -2.57 29.24
N ASP B 306 -9.91 -2.81 30.54
CA ASP B 306 -11.10 -2.32 31.29
C ASP B 306 -11.19 -0.82 31.22
N ILE B 307 -10.06 -0.14 31.38
CA ILE B 307 -10.06 1.30 31.25
C ILE B 307 -10.59 1.69 29.86
N LEU B 308 -10.10 1.03 28.83
CA LEU B 308 -10.54 1.33 27.47
C LEU B 308 -12.03 1.04 27.21
N LEU B 309 -12.61 0.09 27.95
CA LEU B 309 -14.03 -0.31 27.79
C LEU B 309 -15.00 0.45 28.72
N HIS B 310 -14.51 0.86 29.88
CA HIS B 310 -15.17 1.80 30.79
C HIS B 310 -15.48 3.09 29.99
#